data_2QH2
#
_entry.id   2QH2
#
_entity_poly.entity_id   1
_entity_poly.type   'polyribonucleotide'
_entity_poly.pdbx_seq_one_letter_code
;GGAGUGCCUGAGCUGUGGCACUCC
;
_entity_poly.pdbx_strand_id   A
#